data_3KFM
#
_entry.id   3KFM
#
_cell.length_a   45.690
_cell.length_b   48.445
_cell.length_c   62.834
_cell.angle_alpha   90.00
_cell.angle_beta   106.62
_cell.angle_gamma   90.00
#
_symmetry.space_group_name_H-M   'P 1 2 1'
#
loop_
_entity.id
_entity.type
_entity.pdbx_description
1 polymer 'Glutamate receptor 4'
2 non-polymer 3-(CARBOXYMETHYL)-4-ISOPROPENYLPROLINE
3 water water
#
_entity_poly.entity_id   1
_entity_poly.type   'polypeptide(L)'
_entity_poly.pdbx_seq_one_letter_code
;TVVVTTIMESPYVMYKKNHEMFEGNDKYEGYCVDLASEIAKHIGIKYKIAIVPDGKYGARDADTKIWNGMVGELVYGKAE
IAIAPLTITLVREEVIDFSKPFMSLGISIMIKKGTPIESAEDLAKQTEIAYGTVDSGSTKEFFRRSKIAVYEKMWTYMRS
AEPSVFTRTTAEGVARVRKSKGKFAFLLESTMNEYTEQRKPCDTMKVGGNLDSKGYGVATPKGSSLRTPVNLAVLKLSEA
GVLDKLKNKWWYDKGEC
;
_entity_poly.pdbx_strand_id   A
#
loop_
_chem_comp.id
_chem_comp.type
_chem_comp.name
_chem_comp.formula
KAI non-polymer 3-(CARBOXYMETHYL)-4-ISOPROPENYLPROLINE 'C10 H15 N O4'
#
# COMPACT_ATOMS: atom_id res chain seq x y z
N THR A 1 0.39 25.26 -10.46
CA THR A 1 -0.27 24.01 -9.99
C THR A 1 0.73 22.86 -10.00
N VAL A 2 0.62 21.97 -9.01
CA VAL A 2 1.59 20.90 -8.80
C VAL A 2 0.93 19.57 -9.20
N VAL A 3 1.61 18.73 -9.97
CA VAL A 3 1.01 17.45 -10.32
C VAL A 3 1.27 16.45 -9.23
N VAL A 4 0.17 15.94 -8.69
CA VAL A 4 0.20 14.95 -7.64
C VAL A 4 -0.25 13.62 -8.23
N THR A 5 0.71 12.71 -8.34
CA THR A 5 0.44 11.37 -8.79
C THR A 5 -0.04 10.45 -7.64
N THR A 6 -0.95 9.56 -7.95
CA THR A 6 -1.51 8.64 -6.97
C THR A 6 -2.15 7.48 -7.72
N ILE A 7 -2.74 6.56 -6.96
CA ILE A 7 -3.24 5.29 -7.49
C ILE A 7 -4.56 4.92 -6.78
N MET A 8 -5.43 4.22 -7.50
CA MET A 8 -6.69 3.71 -6.93
C MET A 8 -6.41 2.54 -6.02
N GLU A 9 -6.63 2.72 -4.72
CA GLU A 9 -6.40 1.69 -3.71
C GLU A 9 -7.21 2.04 -2.47
N SER A 10 -8.19 1.22 -2.10
CA SER A 10 -9.04 1.50 -0.92
C SER A 10 -8.34 1.25 0.44
N PRO A 11 -8.56 2.14 1.42
CA PRO A 11 -9.37 3.37 1.38
C PRO A 11 -8.58 4.66 1.10
N TYR A 12 -7.45 4.54 0.41
CA TYR A 12 -6.54 5.66 0.22
C TYR A 12 -7.07 6.60 -0.84
N VAL A 13 -7.39 6.06 -2.01
CA VAL A 13 -7.96 6.85 -3.09
C VAL A 13 -9.06 5.99 -3.69
N MET A 14 -10.25 6.57 -3.85
CA MET A 14 -11.39 5.86 -4.41
C MET A 14 -12.31 6.80 -5.17
N TYR A 15 -13.14 6.24 -6.04
CA TYR A 15 -14.08 7.03 -6.82
C TYR A 15 -15.33 7.31 -6.00
N LYS A 16 -15.78 8.56 -6.02
CA LYS A 16 -16.98 8.95 -5.31
C LYS A 16 -18.21 8.42 -6.05
N LYS A 17 -19.35 8.42 -5.37
CA LYS A 17 -20.58 7.93 -5.97
C LYS A 17 -20.78 8.89 -7.14
N ASN A 18 -20.63 8.37 -8.36
CA ASN A 18 -20.94 9.12 -9.57
C ASN A 18 -19.96 10.26 -9.80
N HIS A 19 -18.67 9.97 -9.65
CA HIS A 19 -17.64 10.98 -9.84
C HIS A 19 -17.91 11.83 -11.08
N GLU A 20 -18.60 11.25 -12.04
CA GLU A 20 -18.94 11.96 -13.27
C GLU A 20 -19.51 13.34 -12.99
N MET A 21 -20.38 13.42 -12.00
CA MET A 21 -21.00 14.69 -11.62
C MET A 21 -19.96 15.64 -11.01
N PHE A 22 -18.84 15.09 -10.56
CA PHE A 22 -17.78 15.89 -9.95
C PHE A 22 -16.66 16.22 -10.95
N GLU A 23 -15.82 17.17 -10.60
CA GLU A 23 -14.73 17.64 -11.48
C GLU A 23 -13.37 17.68 -10.77
N GLY A 24 -12.33 17.26 -11.49
CA GLY A 24 -10.97 17.26 -10.96
C GLY A 24 -10.71 16.44 -9.71
N ASN A 25 -10.09 17.09 -8.73
CA ASN A 25 -9.84 16.50 -7.42
C ASN A 25 -11.12 16.10 -6.70
N ASP A 26 -12.20 16.84 -6.92
CA ASP A 26 -13.50 16.55 -6.29
C ASP A 26 -14.10 15.20 -6.68
N LYS A 27 -13.49 14.50 -7.63
CA LYS A 27 -13.97 13.20 -8.08
C LYS A 27 -13.61 12.09 -7.10
N TYR A 28 -12.46 12.27 -6.45
CA TYR A 28 -11.90 11.25 -5.60
C TYR A 28 -12.16 11.58 -4.14
N GLU A 29 -12.24 10.54 -3.33
CA GLU A 29 -12.25 10.65 -1.87
C GLU A 29 -11.33 9.55 -1.32
N GLY A 30 -10.79 9.76 -0.12
CA GLY A 30 -10.09 8.71 0.59
C GLY A 30 -9.04 9.28 1.51
N TYR A 31 -8.25 8.40 2.11
CA TYR A 31 -7.21 8.81 3.03
C TYR A 31 -6.14 9.71 2.39
N CYS A 32 -5.65 9.33 1.21
CA CYS A 32 -4.55 10.08 0.56
C CYS A 32 -5.06 11.33 -0.12
N VAL A 33 -6.36 11.31 -0.42
CA VAL A 33 -7.06 12.46 -0.94
C VAL A 33 -7.10 13.49 0.17
N ASP A 34 -7.50 13.06 1.37
CA ASP A 34 -7.44 13.89 2.57
C ASP A 34 -6.00 14.33 2.87
N LEU A 35 -5.05 13.40 2.80
CA LEU A 35 -3.65 13.71 3.09
C LEU A 35 -3.15 14.81 2.16
N ALA A 36 -3.40 14.64 0.86
CA ALA A 36 -2.97 15.61 -0.13
C ALA A 36 -3.53 16.97 0.21
N SER A 37 -4.79 17.02 0.61
CA SER A 37 -5.43 18.30 0.88
C SER A 37 -4.64 19.03 1.98
N GLU A 38 -4.33 18.27 3.03
CA GLU A 38 -3.74 18.81 4.25
C GLU A 38 -2.34 19.30 4.03
N ILE A 39 -1.58 18.54 3.24
CA ILE A 39 -0.19 18.85 2.92
C ILE A 39 -0.12 20.12 2.06
N ALA A 40 -0.96 20.15 1.02
CA ALA A 40 -1.10 21.31 0.14
C ALA A 40 -1.49 22.57 0.90
N LYS A 41 -2.32 22.40 1.93
CA LYS A 41 -2.73 23.53 2.76
C LYS A 41 -1.47 24.01 3.50
N HIS A 42 -0.76 23.07 4.12
CA HIS A 42 0.43 23.39 4.91
C HIS A 42 1.53 24.06 4.09
N ILE A 43 1.73 23.59 2.87
CA ILE A 43 2.83 24.10 2.06
C ILE A 43 2.39 25.19 1.07
N GLY A 44 1.08 25.44 1.03
CA GLY A 44 0.53 26.54 0.26
C GLY A 44 0.61 26.39 -1.25
N ILE A 45 0.18 25.25 -1.76
CA ILE A 45 0.23 24.99 -3.19
C ILE A 45 -1.12 24.69 -3.81
N LYS A 46 -1.25 24.98 -5.10
CA LYS A 46 -2.32 24.44 -5.90
C LYS A 46 -1.85 23.12 -6.53
N TYR A 47 -2.77 22.15 -6.59
CA TYR A 47 -2.42 20.80 -6.98
C TYR A 47 -3.51 20.12 -7.79
N LYS A 48 -3.06 19.13 -8.56
CA LYS A 48 -3.97 18.33 -9.39
C LYS A 48 -3.62 16.86 -9.23
N ILE A 49 -4.64 16.09 -8.90
CA ILE A 49 -4.55 14.64 -8.80
C ILE A 49 -4.53 14.01 -10.20
N ALA A 50 -3.48 13.26 -10.48
CA ALA A 50 -3.40 12.46 -11.70
C ALA A 50 -3.11 11.01 -11.34
N ILE A 51 -4.06 10.13 -11.64
CA ILE A 51 -3.91 8.71 -11.35
C ILE A 51 -2.80 8.17 -12.27
N VAL A 52 -1.81 7.48 -11.68
CA VAL A 52 -0.70 6.93 -12.46
C VAL A 52 -1.23 6.09 -13.61
N PRO A 53 -0.95 6.52 -14.87
CA PRO A 53 -1.48 5.85 -16.05
C PRO A 53 -1.36 4.33 -16.04
N ASP A 54 -0.23 3.79 -15.59
CA ASP A 54 0.01 2.33 -15.64
C ASP A 54 -0.51 1.52 -14.43
N GLY A 55 -1.12 2.19 -13.46
CA GLY A 55 -1.64 1.54 -12.27
C GLY A 55 -0.63 0.75 -11.43
N LYS A 56 0.58 1.29 -11.32
CA LYS A 56 1.67 0.64 -10.60
C LYS A 56 2.28 1.56 -9.52
N TYR A 57 3.07 0.97 -8.61
CA TYR A 57 3.63 1.74 -7.50
C TYR A 57 5.03 2.25 -7.80
N GLY A 58 5.91 1.35 -8.22
CA GLY A 58 7.28 1.76 -8.55
C GLY A 58 8.29 0.64 -8.45
N ALA A 59 8.62 0.05 -9.59
CA ALA A 59 9.75 -0.85 -9.72
C ALA A 59 10.55 -0.51 -10.96
N ARG A 60 11.82 -0.87 -10.95
CA ARG A 60 12.68 -0.66 -12.09
C ARG A 60 12.83 -1.99 -12.81
N ASP A 61 12.45 -2.03 -14.08
CA ASP A 61 12.64 -3.17 -14.97
C ASP A 61 14.12 -3.56 -15.10
N ALA A 62 14.42 -4.85 -14.96
CA ALA A 62 15.81 -5.32 -14.90
C ALA A 62 16.56 -5.17 -16.21
N ASP A 63 15.86 -5.30 -17.33
CA ASP A 63 16.48 -5.23 -18.66
C ASP A 63 16.56 -3.81 -19.19
N THR A 64 15.40 -3.17 -19.30
CA THR A 64 15.26 -1.82 -19.85
C THR A 64 15.71 -0.67 -18.91
N LYS A 65 15.84 -0.96 -17.62
CA LYS A 65 16.21 0.00 -16.57
C LYS A 65 15.23 1.19 -16.39
N ILE A 66 14.03 1.08 -16.98
CA ILE A 66 12.99 2.09 -16.81
C ILE A 66 12.25 1.85 -15.50
N TRP A 67 11.90 2.94 -14.82
CA TRP A 67 11.05 2.89 -13.64
C TRP A 67 9.59 3.08 -13.99
N ASN A 68 8.74 2.19 -13.50
CA ASN A 68 7.30 2.33 -13.75
C ASN A 68 6.53 2.99 -12.60
N GLY A 69 5.21 2.93 -12.69
CA GLY A 69 4.34 3.41 -11.66
C GLY A 69 4.58 4.82 -11.16
N MET A 70 4.18 5.06 -9.92
CA MET A 70 4.25 6.37 -9.31
C MET A 70 5.68 6.86 -9.15
N VAL A 71 6.60 5.98 -8.78
CA VAL A 71 8.02 6.35 -8.76
C VAL A 71 8.45 6.85 -10.13
N GLY A 72 8.10 6.09 -11.17
CA GLY A 72 8.41 6.48 -12.53
C GLY A 72 8.01 7.90 -12.85
N GLU A 73 6.76 8.24 -12.55
CA GLU A 73 6.22 9.56 -12.84
C GLU A 73 7.05 10.67 -12.24
N LEU A 74 7.60 10.41 -11.04
CA LEU A 74 8.49 11.34 -10.39
C LEU A 74 9.80 11.46 -11.11
N VAL A 75 10.46 10.32 -11.31
CA VAL A 75 11.80 10.23 -11.90
C VAL A 75 11.84 10.89 -13.28
N TYR A 76 10.81 10.64 -14.10
CA TYR A 76 10.76 11.16 -15.46
C TYR A 76 10.05 12.51 -15.54
N GLY A 77 9.72 13.07 -14.38
CA GLY A 77 9.22 14.45 -14.31
C GLY A 77 7.79 14.64 -14.77
N LYS A 78 6.97 13.61 -14.63
CA LYS A 78 5.57 13.71 -15.02
C LYS A 78 4.70 14.20 -13.85
N ALA A 79 5.16 13.99 -12.62
CA ALA A 79 4.53 14.57 -11.43
C ALA A 79 5.56 15.10 -10.44
N GLU A 80 5.10 16.01 -9.57
CA GLU A 80 5.96 16.64 -8.56
C GLU A 80 5.91 15.96 -7.20
N ILE A 81 4.80 15.27 -6.91
CA ILE A 81 4.66 14.57 -5.62
C ILE A 81 3.71 13.37 -5.65
N ALA A 82 4.13 12.28 -5.02
CA ALA A 82 3.35 11.05 -4.96
C ALA A 82 2.79 10.83 -3.55
N ILE A 83 1.47 10.77 -3.44
CA ILE A 83 0.78 10.63 -2.16
C ILE A 83 -0.12 9.39 -2.25
N ALA A 84 0.35 8.30 -1.64
CA ALA A 84 -0.20 6.97 -1.82
C ALA A 84 0.39 6.03 -0.77
N PRO A 85 -0.23 4.86 -0.59
CA PRO A 85 0.36 3.90 0.32
C PRO A 85 1.60 3.26 -0.27
N LEU A 86 2.61 4.11 -0.51
CA LEU A 86 3.87 3.75 -1.17
C LEU A 86 4.93 3.44 -0.14
N THR A 87 5.32 2.18 -0.08
CA THR A 87 6.21 1.70 0.96
C THR A 87 7.62 2.20 0.79
N ILE A 88 8.12 2.77 1.88
CA ILE A 88 9.49 3.21 1.95
C ILE A 88 10.47 2.04 1.89
N THR A 89 11.20 1.98 0.77
CA THR A 89 12.15 0.92 0.48
C THR A 89 13.47 1.51 -0.04
N LEU A 90 14.55 0.76 0.15
CA LEU A 90 15.88 1.24 -0.22
C LEU A 90 15.97 1.59 -1.71
N VAL A 91 15.72 0.62 -2.59
CA VAL A 91 15.81 0.86 -4.04
C VAL A 91 15.07 2.15 -4.48
N ARG A 92 13.89 2.39 -3.91
CA ARG A 92 13.07 3.57 -4.23
C ARG A 92 13.71 4.84 -3.70
N GLU A 93 14.18 4.80 -2.44
CA GLU A 93 14.87 5.93 -1.82
C GLU A 93 16.15 6.30 -2.57
N GLU A 94 16.78 5.33 -3.23
CA GLU A 94 17.94 5.58 -4.08
C GLU A 94 17.63 6.47 -5.29
N VAL A 95 16.36 6.52 -5.73
CA VAL A 95 15.97 7.29 -6.93
C VAL A 95 15.04 8.50 -6.68
N ILE A 96 14.31 8.47 -5.56
CA ILE A 96 13.38 9.56 -5.20
C ILE A 96 13.58 9.91 -3.72
N ASP A 97 12.98 11.02 -3.29
CA ASP A 97 13.01 11.38 -1.88
C ASP A 97 11.70 11.00 -1.21
N PHE A 98 11.80 10.34 -0.06
CA PHE A 98 10.64 10.00 0.74
C PHE A 98 10.65 10.93 1.94
N SER A 99 9.47 11.44 2.28
CA SER A 99 9.30 12.09 3.56
C SER A 99 9.33 11.03 4.66
N LYS A 100 9.39 11.49 5.92
CA LYS A 100 9.12 10.62 7.06
C LYS A 100 7.79 9.90 6.87
N PRO A 101 7.64 8.70 7.47
CA PRO A 101 6.39 7.95 7.36
C PRO A 101 5.17 8.72 7.87
N PHE A 102 4.11 8.76 7.06
CA PHE A 102 2.81 9.24 7.53
C PHE A 102 1.98 8.10 8.11
N MET A 103 2.46 6.88 7.92
CA MET A 103 1.78 5.70 8.40
C MET A 103 2.83 4.63 8.69
N SER A 104 2.65 3.93 9.81
CA SER A 104 3.58 2.87 10.18
C SER A 104 2.90 1.52 9.95
N LEU A 105 3.66 0.52 9.51
CA LEU A 105 3.07 -0.79 9.23
C LEU A 105 4.10 -1.91 9.15
N GLY A 106 3.60 -3.12 8.89
CA GLY A 106 4.43 -4.29 8.69
C GLY A 106 3.64 -5.30 7.89
N ILE A 107 4.31 -6.29 7.32
CA ILE A 107 3.61 -7.33 6.57
C ILE A 107 2.80 -8.18 7.54
N SER A 108 1.61 -8.59 7.11
CA SER A 108 0.71 -9.34 7.98
C SER A 108 -0.02 -10.47 7.25
N ILE A 109 -0.71 -11.31 8.03
CA ILE A 109 -1.41 -12.47 7.48
C ILE A 109 -2.90 -12.24 7.53
N MET A 110 -3.56 -12.33 6.38
CA MET A 110 -5.01 -12.33 6.31
C MET A 110 -5.51 -13.74 6.09
N ILE A 111 -6.43 -14.15 6.96
CA ILE A 111 -7.11 -15.42 6.77
C ILE A 111 -8.62 -15.23 6.69
N LYS A 112 -9.28 -16.25 6.17
CA LYS A 112 -10.71 -16.34 6.25
C LYS A 112 -10.97 -16.86 7.66
N LYS A 113 -12.00 -16.32 8.31
CA LYS A 113 -12.34 -16.71 9.66
C LYS A 113 -12.48 -18.22 9.74
N GLY A 114 -11.73 -18.85 10.63
CA GLY A 114 -11.80 -20.29 10.83
C GLY A 114 -10.57 -21.06 10.38
N THR A 115 -9.69 -20.38 9.65
CA THR A 115 -8.48 -21.00 9.13
C THR A 115 -7.49 -21.28 10.25
N PRO A 116 -7.02 -22.53 10.34
CA PRO A 116 -6.13 -22.94 11.43
C PRO A 116 -4.71 -22.46 11.18
N ILE A 117 -4.57 -21.14 11.08
CA ILE A 117 -3.27 -20.49 10.93
C ILE A 117 -3.24 -19.29 11.87
N GLU A 118 -2.16 -19.15 12.62
CA GLU A 118 -1.99 -18.05 13.55
C GLU A 118 -0.67 -17.32 13.31
N SER A 119 0.13 -17.81 12.37
CA SER A 119 1.49 -17.30 12.19
C SER A 119 2.15 -17.73 10.89
N ALA A 120 3.12 -16.95 10.45
CA ALA A 120 4.00 -17.34 9.35
C ALA A 120 4.53 -18.77 9.58
N GLU A 121 4.99 -19.06 10.80
CA GLU A 121 5.47 -20.41 11.11
C GLU A 121 4.38 -21.49 10.93
N ASP A 122 3.11 -21.12 11.09
CA ASP A 122 1.99 -22.04 10.84
C ASP A 122 1.82 -22.29 9.33
N LEU A 123 2.02 -21.23 8.54
CA LEU A 123 1.88 -21.33 7.09
C LEU A 123 2.96 -22.21 6.47
N ALA A 124 4.20 -22.02 6.91
CA ALA A 124 5.36 -22.68 6.30
C ALA A 124 5.42 -24.17 6.49
N LYS A 125 4.89 -24.61 7.62
CA LYS A 125 5.02 -25.99 7.98
C LYS A 125 3.97 -26.90 7.35
N GLN A 126 3.17 -26.32 6.48
CA GLN A 126 2.09 -27.06 5.79
C GLN A 126 1.92 -26.65 4.32
N THR A 127 1.16 -27.44 3.57
CA THR A 127 0.90 -27.19 2.14
C THR A 127 -0.59 -27.24 1.79
N GLU A 128 -1.41 -27.74 2.72
CA GLU A 128 -2.85 -27.83 2.54
C GLU A 128 -3.52 -26.45 2.33
N ILE A 129 -3.04 -25.44 3.04
CA ILE A 129 -3.52 -24.08 2.87
C ILE A 129 -2.52 -23.30 2.03
N ALA A 130 -2.93 -22.94 0.82
CA ALA A 130 -2.11 -22.09 -0.05
C ALA A 130 -2.01 -20.68 0.49
N TYR A 131 -0.95 -19.98 0.13
CA TYR A 131 -0.74 -18.61 0.55
C TYR A 131 0.18 -17.92 -0.44
N GLY A 132 -0.01 -16.62 -0.58
CA GLY A 132 0.70 -15.79 -1.54
C GLY A 132 0.63 -14.32 -1.15
N THR A 133 1.13 -13.45 -2.04
CA THR A 133 1.18 -12.01 -1.85
C THR A 133 0.73 -11.30 -3.13
N VAL A 134 0.44 -10.00 -3.07
CA VAL A 134 0.27 -9.22 -4.31
C VAL A 134 1.57 -9.31 -5.14
N ASP A 135 1.42 -9.34 -6.46
CA ASP A 135 2.59 -9.48 -7.31
C ASP A 135 3.34 -8.17 -7.44
N SER A 136 4.66 -8.28 -7.54
CA SER A 136 5.52 -7.19 -8.02
C SER A 136 5.61 -5.96 -7.10
N GLY A 137 5.41 -6.15 -5.80
CA GLY A 137 5.51 -5.07 -4.82
C GLY A 137 6.51 -5.36 -3.71
N SER A 138 6.47 -4.58 -2.64
CA SER A 138 7.46 -4.70 -1.56
C SER A 138 7.30 -5.96 -0.71
N THR A 139 6.10 -6.52 -0.64
CA THR A 139 5.89 -7.72 0.16
C THR A 139 6.60 -8.93 -0.47
N LYS A 140 6.43 -9.09 -1.78
CA LYS A 140 7.06 -10.18 -2.52
C LYS A 140 8.59 -10.07 -2.44
N GLU A 141 9.07 -8.85 -2.51
CA GLU A 141 10.50 -8.57 -2.43
C GLU A 141 11.10 -8.86 -1.04
N PHE A 142 10.35 -8.53 0.02
CA PHE A 142 10.69 -8.99 1.38
C PHE A 142 10.90 -10.51 1.39
N PHE A 143 9.99 -11.26 0.79
CA PHE A 143 10.12 -12.71 0.75
C PHE A 143 11.22 -13.17 -0.21
N ARG A 144 11.33 -12.52 -1.37
CA ARG A 144 12.36 -12.84 -2.34
C ARG A 144 13.75 -12.65 -1.74
N ARG A 145 13.92 -11.54 -1.00
CA ARG A 145 15.21 -11.12 -0.44
C ARG A 145 15.55 -11.75 0.91
N SER A 146 14.53 -12.20 1.65
CA SER A 146 14.70 -12.71 3.00
C SER A 146 15.72 -13.82 3.15
N LYS A 147 16.45 -13.80 4.26
CA LYS A 147 17.44 -14.83 4.57
C LYS A 147 17.07 -15.57 5.84
N ILE A 148 15.89 -15.25 6.37
CA ILE A 148 15.36 -15.90 7.57
C ILE A 148 14.73 -17.22 7.13
N ALA A 149 15.14 -18.32 7.77
CA ALA A 149 14.70 -19.65 7.36
C ALA A 149 13.20 -19.75 7.06
N VAL A 150 12.36 -19.28 7.98
CA VAL A 150 10.92 -19.44 7.85
C VAL A 150 10.37 -18.76 6.59
N TYR A 151 10.80 -17.52 6.34
CA TYR A 151 10.33 -16.76 5.19
C TYR A 151 10.90 -17.28 3.87
N GLU A 152 12.12 -17.81 3.94
CA GLU A 152 12.79 -18.46 2.80
C GLU A 152 12.04 -19.72 2.35
N LYS A 153 11.61 -20.53 3.32
CA LYS A 153 10.71 -21.65 3.06
C LYS A 153 9.41 -21.17 2.42
N MET A 154 8.90 -20.05 2.91
CA MET A 154 7.67 -19.44 2.38
C MET A 154 7.86 -18.91 0.96
N TRP A 155 9.01 -18.30 0.67
CA TRP A 155 9.32 -17.79 -0.67
C TRP A 155 9.47 -18.89 -1.73
N THR A 156 10.19 -19.95 -1.38
CA THR A 156 10.35 -21.12 -2.24
C THR A 156 9.01 -21.75 -2.58
N TYR A 157 8.14 -21.93 -1.59
CA TYR A 157 6.80 -22.44 -1.86
C TYR A 157 6.03 -21.51 -2.82
N MET A 158 5.96 -20.22 -2.45
CA MET A 158 5.18 -19.24 -3.21
C MET A 158 5.62 -19.11 -4.65
N ARG A 159 6.92 -19.20 -4.88
CA ARG A 159 7.52 -18.99 -6.19
C ARG A 159 7.30 -20.20 -7.10
N SER A 160 7.22 -21.37 -6.50
CA SER A 160 7.07 -22.62 -7.27
C SER A 160 5.61 -23.03 -7.49
N ALA A 161 4.70 -22.45 -6.72
CA ALA A 161 3.30 -22.87 -6.69
C ALA A 161 2.54 -22.73 -8.02
N GLU A 162 1.80 -23.78 -8.36
CA GLU A 162 0.89 -23.80 -9.51
C GLU A 162 -0.50 -24.24 -9.03
N PRO A 163 -1.55 -23.45 -9.34
CA PRO A 163 -1.54 -22.20 -10.08
C PRO A 163 -0.85 -21.12 -9.27
N SER A 164 -0.54 -20.00 -9.92
CA SER A 164 0.15 -18.89 -9.26
C SER A 164 -0.53 -18.45 -7.98
N VAL A 165 0.29 -18.09 -6.98
CA VAL A 165 -0.25 -17.60 -5.73
C VAL A 165 -0.15 -16.08 -5.63
N PHE A 166 0.32 -15.43 -6.69
CA PHE A 166 0.51 -13.97 -6.69
C PHE A 166 -0.64 -13.24 -7.39
N THR A 167 -1.15 -12.19 -6.75
CA THR A 167 -2.30 -11.47 -7.27
C THR A 167 -1.92 -10.10 -7.85
N ARG A 168 -2.67 -9.70 -8.88
CA ARG A 168 -2.53 -8.40 -9.51
C ARG A 168 -2.69 -7.28 -8.50
N THR A 169 -3.70 -7.43 -7.63
CA THR A 169 -4.08 -6.39 -6.68
C THR A 169 -4.41 -6.94 -5.29
N THR A 170 -4.41 -6.04 -4.31
CA THR A 170 -4.91 -6.30 -2.96
C THR A 170 -6.33 -6.89 -3.03
N ALA A 171 -7.24 -6.19 -3.70
CA ALA A 171 -8.62 -6.66 -3.86
C ALA A 171 -8.73 -8.08 -4.43
N GLU A 172 -7.92 -8.42 -5.44
CA GLU A 172 -7.86 -9.80 -5.97
C GLU A 172 -7.50 -10.80 -4.89
N GLY A 173 -6.49 -10.45 -4.08
CA GLY A 173 -6.01 -11.31 -3.03
C GLY A 173 -7.06 -11.50 -1.97
N VAL A 174 -7.70 -10.39 -1.61
CA VAL A 174 -8.83 -10.39 -0.68
C VAL A 174 -9.96 -11.27 -1.23
N ALA A 175 -10.22 -11.17 -2.52
CA ALA A 175 -11.30 -11.95 -3.14
C ALA A 175 -11.00 -13.44 -3.09
N ARG A 176 -9.73 -13.78 -3.24
CA ARG A 176 -9.32 -15.17 -3.28
C ARG A 176 -9.38 -15.79 -1.88
N VAL A 177 -9.09 -15.00 -0.85
CA VAL A 177 -9.24 -15.45 0.56
C VAL A 177 -10.70 -15.81 0.87
N ARG A 178 -11.58 -14.86 0.58
CA ARG A 178 -13.01 -14.98 0.81
C ARG A 178 -13.60 -16.13 0.04
N LYS A 179 -13.08 -16.37 -1.17
CA LYS A 179 -13.71 -17.34 -2.07
C LYS A 179 -13.13 -18.76 -1.98
N SER A 180 -12.05 -18.92 -1.22
CA SER A 180 -11.30 -20.17 -1.19
C SER A 180 -11.60 -21.11 -0.01
N LYS A 181 -12.68 -20.85 0.73
CA LYS A 181 -13.15 -21.74 1.80
C LYS A 181 -12.10 -22.10 2.86
N GLY A 182 -11.13 -21.19 3.04
CA GLY A 182 -10.06 -21.39 4.00
C GLY A 182 -8.82 -22.02 3.42
N LYS A 183 -8.76 -22.12 2.09
CA LYS A 183 -7.63 -22.76 1.41
C LYS A 183 -6.61 -21.78 0.86
N PHE A 184 -6.88 -20.49 0.97
CA PHE A 184 -5.88 -19.49 0.62
C PHE A 184 -5.70 -18.50 1.78
N ALA A 185 -4.44 -18.23 2.13
CA ALA A 185 -4.14 -17.13 3.05
C ALA A 185 -3.37 -16.05 2.31
N PHE A 186 -3.58 -14.80 2.72
CA PHE A 186 -3.01 -13.66 2.00
C PHE A 186 -2.03 -12.87 2.84
N LEU A 187 -0.87 -12.61 2.27
CA LEU A 187 0.16 -11.82 2.93
C LEU A 187 0.16 -10.43 2.35
N LEU A 188 -0.25 -9.48 3.17
CA LEU A 188 -0.37 -8.11 2.73
C LEU A 188 0.01 -7.21 3.89
N GLU A 189 0.00 -5.91 3.65
CA GLU A 189 0.44 -4.95 4.65
C GLU A 189 -0.65 -4.75 5.69
N SER A 190 -0.24 -4.59 6.94
CA SER A 190 -1.15 -4.58 8.06
C SER A 190 -2.26 -3.56 7.87
N THR A 191 -1.94 -2.47 7.19
CA THR A 191 -2.87 -1.36 7.01
C THR A 191 -4.11 -1.75 6.20
N MET A 192 -3.90 -2.40 5.05
CA MET A 192 -4.98 -2.96 4.20
C MET A 192 -5.69 -4.12 4.92
N ASN A 193 -4.92 -4.95 5.64
CA ASN A 193 -5.46 -6.03 6.44
C ASN A 193 -6.50 -5.56 7.45
N GLU A 194 -6.10 -4.58 8.27
CA GLU A 194 -6.94 -3.95 9.29
C GLU A 194 -8.16 -3.31 8.65
N TYR A 195 -7.95 -2.71 7.48
CA TYR A 195 -9.03 -2.12 6.72
C TYR A 195 -10.09 -3.16 6.33
N THR A 196 -9.61 -4.25 5.71
CA THR A 196 -10.49 -5.28 5.14
C THR A 196 -11.29 -5.98 6.26
N GLU A 197 -10.65 -6.10 7.42
CA GLU A 197 -11.23 -6.73 8.60
C GLU A 197 -12.49 -5.99 9.04
N GLN A 198 -12.54 -4.70 8.74
CA GLN A 198 -13.67 -3.87 9.09
C GLN A 198 -14.67 -3.66 7.92
N ARG A 199 -14.64 -4.56 6.94
CA ARG A 199 -15.44 -4.42 5.71
C ARG A 199 -16.35 -5.62 5.58
N LYS A 200 -17.62 -5.37 5.23
CA LYS A 200 -18.57 -6.45 5.01
C LYS A 200 -18.04 -7.37 3.92
N PRO A 201 -18.27 -8.69 4.04
CA PRO A 201 -19.10 -9.36 5.06
C PRO A 201 -18.36 -9.80 6.32
N CYS A 202 -17.23 -9.17 6.64
CA CYS A 202 -16.54 -9.43 7.91
C CYS A 202 -16.15 -10.89 8.06
N ASP A 203 -15.70 -11.48 6.97
CA ASP A 203 -15.31 -12.90 6.99
C ASP A 203 -13.79 -13.07 7.03
N THR A 204 -13.07 -11.96 7.21
CA THR A 204 -11.61 -11.97 7.27
C THR A 204 -11.10 -11.45 8.62
N MET A 205 -9.86 -11.80 8.95
CA MET A 205 -9.18 -11.22 10.10
C MET A 205 -7.66 -11.28 9.99
N LYS A 206 -7.00 -10.42 10.76
CA LYS A 206 -5.54 -10.38 10.85
C LYS A 206 -5.16 -11.39 11.91
N VAL A 207 -4.10 -12.16 11.68
CA VAL A 207 -3.61 -13.13 12.67
C VAL A 207 -2.11 -13.04 12.92
N GLY A 208 -1.71 -13.26 14.17
CA GLY A 208 -0.33 -13.11 14.60
C GLY A 208 0.23 -11.70 14.52
N GLY A 209 1.55 -11.59 14.74
CA GLY A 209 2.26 -10.31 14.68
C GLY A 209 2.76 -9.97 13.29
N ASN A 210 3.35 -8.79 13.14
CA ASN A 210 3.87 -8.36 11.83
C ASN A 210 5.21 -9.00 11.56
N LEU A 211 5.48 -9.33 10.29
CA LEU A 211 6.75 -10.01 9.94
C LEU A 211 7.92 -9.03 9.86
N ASP A 212 7.60 -7.75 9.67
CA ASP A 212 8.59 -6.68 9.60
C ASP A 212 7.99 -5.33 10.06
N SER A 213 8.75 -4.26 9.86
CA SER A 213 8.41 -2.93 10.36
C SER A 213 8.89 -1.87 9.38
N LYS A 214 7.97 -1.08 8.88
CA LYS A 214 8.28 -0.05 7.89
C LYS A 214 7.14 0.96 7.82
N GLY A 215 7.21 1.88 6.86
CA GLY A 215 6.18 2.90 6.72
C GLY A 215 5.95 3.32 5.27
N TYR A 216 4.91 4.15 5.09
CA TYR A 216 4.59 4.82 3.82
C TYR A 216 5.12 6.24 3.88
N GLY A 217 5.69 6.72 2.76
CA GLY A 217 6.20 8.07 2.68
C GLY A 217 5.68 8.80 1.47
N VAL A 218 5.53 10.11 1.62
CA VAL A 218 5.21 10.99 0.54
C VAL A 218 6.49 11.13 -0.29
N ALA A 219 6.40 10.93 -1.60
CA ALA A 219 7.58 10.95 -2.44
C ALA A 219 7.65 12.14 -3.40
N THR A 220 8.87 12.64 -3.58
CA THR A 220 9.16 13.74 -4.52
C THR A 220 10.43 13.39 -5.33
N PRO A 221 10.63 14.05 -6.50
CA PRO A 221 11.85 13.77 -7.22
C PRO A 221 13.07 14.46 -6.61
N LYS A 222 14.21 13.81 -6.77
CA LYS A 222 15.47 14.33 -6.28
C LYS A 222 15.67 15.76 -6.76
N GLY A 223 16.17 16.61 -5.87
CA GLY A 223 16.39 18.02 -6.17
C GLY A 223 15.16 18.90 -6.11
N SER A 224 14.01 18.31 -5.81
CA SER A 224 12.78 19.09 -5.73
C SER A 224 12.86 20.09 -4.59
N SER A 225 12.34 21.29 -4.86
CA SER A 225 12.24 22.33 -3.85
C SER A 225 11.15 21.97 -2.81
N LEU A 226 10.24 21.08 -3.21
CA LEU A 226 9.11 20.66 -2.36
C LEU A 226 9.46 19.61 -1.34
N ARG A 227 10.72 19.17 -1.32
CA ARG A 227 11.16 18.13 -0.41
C ARG A 227 10.93 18.48 1.06
N THR A 228 11.61 19.53 1.53
CA THR A 228 11.58 19.89 2.95
C THR A 228 10.20 20.35 3.43
N PRO A 229 9.51 21.22 2.65
CA PRO A 229 8.11 21.55 2.94
C PRO A 229 7.20 20.34 3.16
N VAL A 230 7.22 19.39 2.21
CA VAL A 230 6.45 18.16 2.36
C VAL A 230 6.81 17.38 3.64
N ASN A 231 8.10 17.23 3.90
CA ASN A 231 8.57 16.49 5.07
C ASN A 231 8.19 17.18 6.39
N LEU A 232 8.38 18.48 6.46
CA LEU A 232 7.97 19.20 7.66
C LEU A 232 6.45 19.19 7.85
N ALA A 233 5.71 19.09 6.75
CA ALA A 233 4.23 18.99 6.78
C ALA A 233 3.70 17.65 7.33
N VAL A 234 4.35 16.55 6.95
CA VAL A 234 4.02 15.24 7.48
C VAL A 234 4.27 15.23 9.00
N LEU A 235 5.41 15.77 9.41
CA LEU A 235 5.74 15.82 10.82
C LEU A 235 4.73 16.67 11.60
N LYS A 236 4.41 17.85 11.06
CA LYS A 236 3.33 18.71 11.59
C LYS A 236 1.99 18.00 11.75
N LEU A 237 1.56 17.27 10.71
CA LEU A 237 0.27 16.59 10.69
C LEU A 237 0.23 15.45 11.68
N SER A 238 1.34 14.69 11.68
CA SER A 238 1.61 13.69 12.67
C SER A 238 1.47 14.22 14.08
N GLU A 239 2.17 15.32 14.36
CA GLU A 239 2.25 15.84 15.72
C GLU A 239 0.98 16.51 16.17
N ALA A 240 0.20 17.00 15.20
CA ALA A 240 -1.04 17.72 15.49
C ALA A 240 -2.19 16.72 15.67
N GLY A 241 -1.91 15.44 15.41
CA GLY A 241 -2.91 14.39 15.58
C GLY A 241 -3.68 14.05 14.34
N VAL A 242 -3.43 14.77 13.25
CA VAL A 242 -4.20 14.70 12.00
C VAL A 242 -4.09 13.37 11.25
N LEU A 243 -2.90 12.76 11.27
CA LEU A 243 -2.71 11.43 10.67
C LEU A 243 -3.54 10.34 11.39
N ASP A 244 -3.49 10.34 12.71
CA ASP A 244 -4.30 9.45 13.55
C ASP A 244 -5.80 9.65 13.27
N LYS A 245 -6.20 10.90 13.19
CA LYS A 245 -7.59 11.27 12.91
C LYS A 245 -8.02 10.67 11.56
N LEU A 246 -7.15 10.82 10.56
CA LEU A 246 -7.49 10.33 9.22
C LEU A 246 -7.54 8.79 9.14
N LYS A 247 -6.69 8.09 9.89
CA LYS A 247 -6.74 6.63 9.93
C LYS A 247 -8.01 6.16 10.63
N ASN A 248 -8.30 6.76 11.78
CA ASN A 248 -9.50 6.41 12.52
C ASN A 248 -10.73 6.61 11.63
N LYS A 249 -10.71 7.68 10.84
CA LYS A 249 -11.85 8.09 10.02
C LYS A 249 -12.13 7.11 8.91
N TRP A 250 -11.08 6.74 8.17
CA TRP A 250 -11.24 5.91 6.98
C TRP A 250 -11.26 4.41 7.28
N TRP A 251 -10.71 4.02 8.42
CA TRP A 251 -10.66 2.60 8.82
C TRP A 251 -11.82 2.21 9.72
N TYR A 252 -11.99 2.98 10.79
CA TYR A 252 -12.82 2.56 11.90
C TYR A 252 -14.15 3.32 12.00
N ASP A 253 -14.13 4.63 11.73
CA ASP A 253 -15.36 5.41 11.71
C ASP A 253 -16.28 4.97 10.57
N LYS A 254 -15.68 4.66 9.41
CA LYS A 254 -16.39 4.14 8.24
C LYS A 254 -16.51 2.61 8.25
N GLY A 255 -15.85 1.98 9.22
CA GLY A 255 -15.94 0.53 9.43
C GLY A 255 -17.36 -0.02 9.42
N GLU A 256 -17.50 -1.27 8.99
CA GLU A 256 -18.82 -1.89 8.78
C GLU A 256 -19.10 -3.09 9.68
N CYS A 257 -18.10 -3.50 10.49
CA CYS A 257 -18.19 -4.72 11.32
C CYS A 257 -18.25 -4.48 12.84
N KAI B . 2.33 -0.81 -0.91
CD KAI B . 1.18 -0.82 -1.82
CD1 KAI B . -1.08 -2.24 -3.07
CD2 KAI B . 0.44 -3.45 -4.60
CA KAI B . 3.31 -1.78 -1.32
CB KAI B . 2.47 -2.78 -2.08
CB1 KAI B . 1.83 -3.80 -1.14
CG KAI B . 1.45 -1.88 -2.80
CG1 KAI B . 2.58 -5.08 -1.12
CG2 KAI B . 0.22 -2.55 -3.43
C KAI B . 4.45 -1.16 -2.15
O KAI B . 5.09 -1.90 -2.82
OD1 KAI B . 2.17 -5.88 -0.42
OD2 KAI B . 3.51 -5.25 -1.81
OXT KAI B . 4.61 -0.02 -2.16
#